data_5UZI
#
_entry.id   5UZI
#
loop_
_entity.id
_entity.type
_entity.pdbx_description
1 polymer "DNA (5'-D(*CP*GP*AP*TP*TP*TP*TP*TP*TP*GP*GP*C)-3')"
2 polymer "DNA (5'-D(*GP*CP*CP*(M1A)P*AP*AP*AP*AP*AP*TP*CP*G)-3')"
#
loop_
_entity_poly.entity_id
_entity_poly.type
_entity_poly.pdbx_seq_one_letter_code
_entity_poly.pdbx_strand_id
1 'polydeoxyribonucleotide' (DC)(DG)(DA)(DT)(DT)(DT)(DT)(DT)(DT)(DG)(DG)(DC) A
2 'polydeoxyribonucleotide' (DG)(DC)(DC)(MA7)(DA)(DA)(DA)(DA)(DA)(DT)(DC)(DG) B
#